data_6TOG
#
_entry.id   6TOG
#
_cell.length_a   67.329
_cell.length_b   67.329
_cell.length_c   154.395
_cell.angle_alpha   90.000
_cell.angle_beta   90.000
_cell.angle_gamma   120.000
#
_symmetry.space_group_name_H-M   'P 61 2 2'
#
loop_
_entity.id
_entity.type
_entity.pdbx_description
1 polymer 'B-cell lymphoma 6 protein'
2 polymer ALA-TRP-VAL-ILE-PRO-ALA
3 non-polymer 2-chloranyl-4-(cyclopropylmethylamino)pyridine-3-carbonitrile
4 non-polymer 'DIMETHYL SULFOXIDE'
5 non-polymer 'CHLORIDE ION'
6 water water
#
loop_
_entity_poly.entity_id
_entity_poly.type
_entity_poly.pdbx_seq_one_letter_code
_entity_poly.pdbx_strand_id
1 'polypeptide(L)'
;GPGADSCIQFTRHASDVLLNLNRLRSRDILTDVVIVVSREQFRAHKTVLMACSGLFYSIFTDQLKCNLSVINLDPEINPE
GFCILLDFMYTSRLNLREGNIMAVMATAMYLQMEHVVDTCRKFIKASE
;
A
2 'polypeptide(L)' AWVIPA B
#
# COMPACT_ATOMS: atom_id res chain seq x y z
CA ASP A 5 -15.70 -16.14 22.03
C ASP A 5 -17.05 -15.44 22.14
N SER A 6 -17.20 -14.56 23.16
CA SER A 6 -18.43 -13.79 23.41
C SER A 6 -18.53 -12.53 22.57
N CYS A 7 -17.39 -12.00 22.08
CA CYS A 7 -17.26 -10.78 21.25
C CYS A 7 -18.31 -10.63 20.16
N ILE A 8 -18.69 -9.37 19.87
CA ILE A 8 -19.60 -8.99 18.78
C ILE A 8 -18.70 -8.18 17.84
N GLN A 9 -19.00 -8.17 16.53
CA GLN A 9 -18.12 -7.52 15.56
C GLN A 9 -18.84 -6.48 14.72
N PHE A 10 -18.23 -5.33 14.47
CA PHE A 10 -18.83 -4.32 13.61
C PHE A 10 -18.19 -4.48 12.24
N THR A 11 -18.96 -5.02 11.28
CA THR A 11 -18.54 -5.34 9.92
C THR A 11 -17.81 -4.23 9.16
N ARG A 12 -18.33 -2.99 9.17
CA ARG A 12 -17.70 -1.89 8.42
C ARG A 12 -16.53 -1.24 9.19
N HIS A 13 -16.25 -1.66 10.44
CA HIS A 13 -15.17 -1.04 11.22
C HIS A 13 -13.81 -0.93 10.53
N ALA A 14 -13.19 -2.08 10.15
CA ALA A 14 -11.87 -2.13 9.51
C ALA A 14 -11.81 -1.24 8.27
N SER A 15 -12.87 -1.26 7.43
N SER A 15 -12.86 -1.25 7.42
CA SER A 15 -12.98 -0.42 6.23
CA SER A 15 -12.93 -0.39 6.23
C SER A 15 -13.13 1.05 6.63
C SER A 15 -13.08 1.07 6.65
N ASP A 16 -13.87 1.35 7.72
CA ASP A 16 -14.08 2.73 8.21
C ASP A 16 -12.75 3.30 8.68
N VAL A 17 -11.96 2.47 9.39
CA VAL A 17 -10.60 2.85 9.85
C VAL A 17 -9.76 3.20 8.63
N LEU A 18 -9.77 2.36 7.61
CA LEU A 18 -9.01 2.60 6.39
C LEU A 18 -9.44 3.89 5.69
N LEU A 19 -10.78 4.14 5.59
CA LEU A 19 -11.35 5.35 5.00
C LEU A 19 -10.75 6.57 5.70
N ASN A 20 -10.71 6.55 7.06
CA ASN A 20 -10.16 7.67 7.79
C ASN A 20 -8.68 7.81 7.64
N LEU A 21 -7.90 6.70 7.62
CA LEU A 21 -6.45 6.79 7.44
C LEU A 21 -6.14 7.48 6.09
N ASN A 22 -6.94 7.21 5.04
CA ASN A 22 -6.76 7.82 3.70
C ASN A 22 -7.12 9.29 3.65
N ARG A 23 -8.07 9.73 4.51
CA ARG A 23 -8.47 11.12 4.63
C ARG A 23 -7.39 11.91 5.37
N LEU A 24 -6.69 11.25 6.34
CA LEU A 24 -5.58 11.81 7.07
C LEU A 24 -4.41 11.93 6.11
N ARG A 25 -4.21 10.92 5.25
CA ARG A 25 -3.15 10.94 4.24
C ARG A 25 -3.36 12.08 3.23
N SER A 26 -4.61 12.25 2.73
CA SER A 26 -4.98 13.28 1.75
C SER A 26 -4.84 14.71 2.32
N ARG A 27 -5.03 14.85 3.63
CA ARG A 27 -4.95 16.14 4.32
C ARG A 27 -3.57 16.39 4.94
N ASP A 28 -2.65 15.42 4.72
CA ASP A 28 -1.26 15.40 5.19
C ASP A 28 -1.16 15.48 6.71
N ILE A 29 -2.10 14.79 7.39
CA ILE A 29 -2.20 14.75 8.85
C ILE A 29 -1.49 13.54 9.43
N LEU A 30 -0.48 13.83 10.27
CA LEU A 30 0.37 12.89 11.00
C LEU A 30 1.15 11.92 10.10
N THR A 31 1.35 12.29 8.83
CA THR A 31 2.21 11.55 7.92
C THR A 31 3.65 11.73 8.45
N ASP A 32 4.40 10.65 8.50
CA ASP A 32 5.74 10.62 9.09
C ASP A 32 6.83 10.18 8.12
N VAL A 33 6.49 9.94 6.85
CA VAL A 33 7.54 9.54 5.90
C VAL A 33 7.23 10.13 4.52
N VAL A 34 8.27 10.24 3.69
CA VAL A 34 8.24 10.72 2.29
C VAL A 34 8.90 9.59 1.51
N ILE A 35 8.17 8.99 0.58
CA ILE A 35 8.71 7.94 -0.30
C ILE A 35 9.01 8.64 -1.63
N VAL A 36 10.27 8.52 -2.11
CA VAL A 36 10.76 9.14 -3.36
C VAL A 36 10.89 8.10 -4.46
N VAL A 37 10.14 8.32 -5.55
CA VAL A 37 10.16 7.41 -6.70
C VAL A 37 10.34 8.27 -7.96
N SER A 38 11.52 8.18 -8.60
CA SER A 38 11.85 8.90 -9.84
C SER A 38 11.52 10.42 -9.76
N ARG A 39 12.07 11.10 -8.71
CA ARG A 39 11.93 12.53 -8.42
C ARG A 39 10.53 12.97 -7.95
N GLU A 40 9.59 12.03 -7.81
CA GLU A 40 8.23 12.28 -7.32
C GLU A 40 8.14 11.82 -5.86
N GLN A 41 7.44 12.62 -5.02
CA GLN A 41 7.32 12.41 -3.56
C GLN A 41 5.92 12.00 -3.09
N PHE A 42 5.86 10.93 -2.29
CA PHE A 42 4.63 10.35 -1.75
C PHE A 42 4.68 10.38 -0.22
N ARG A 43 3.80 11.17 0.39
N ARG A 43 3.81 11.18 0.40
CA ARG A 43 3.69 11.28 1.85
CA ARG A 43 3.71 11.29 1.86
C ARG A 43 2.78 10.20 2.37
C ARG A 43 2.78 10.21 2.38
N ALA A 44 3.24 9.48 3.40
CA ALA A 44 2.45 8.36 3.97
C ALA A 44 2.66 8.24 5.47
N HIS A 45 2.02 7.22 6.06
CA HIS A 45 2.21 6.82 7.43
C HIS A 45 2.97 5.51 7.40
N LYS A 46 4.10 5.46 8.12
CA LYS A 46 4.97 4.29 8.23
C LYS A 46 4.22 3.02 8.65
N THR A 47 3.28 3.11 9.62
CA THR A 47 2.53 1.94 10.09
C THR A 47 1.63 1.31 9.01
N VAL A 48 0.95 2.15 8.20
CA VAL A 48 0.13 1.67 7.07
C VAL A 48 1.03 0.97 6.04
N LEU A 49 2.18 1.57 5.68
CA LEU A 49 3.12 0.97 4.75
C LEU A 49 3.65 -0.39 5.23
N MET A 50 3.90 -0.51 6.54
CA MET A 50 4.38 -1.74 7.17
C MET A 50 3.30 -2.82 7.15
N ALA A 51 2.05 -2.42 7.42
CA ALA A 51 0.89 -3.28 7.50
C ALA A 51 0.56 -3.91 6.16
N CYS A 52 1.00 -3.27 5.06
CA CYS A 52 0.70 -3.67 3.69
C CYS A 52 1.80 -4.35 2.90
N SER A 53 3.01 -3.83 3.05
CA SER A 53 4.20 -4.22 2.30
C SER A 53 5.28 -4.88 3.15
N GLY A 54 5.74 -6.06 2.72
CA GLY A 54 6.81 -6.79 3.41
C GLY A 54 8.14 -6.09 3.36
N LEU A 55 8.38 -5.30 2.30
CA LEU A 55 9.58 -4.49 2.12
C LEU A 55 9.59 -3.37 3.16
N PHE A 56 8.48 -2.60 3.26
CA PHE A 56 8.37 -1.51 4.21
C PHE A 56 8.38 -1.99 5.67
N TYR A 57 7.87 -3.19 5.92
CA TYR A 57 7.90 -3.80 7.24
C TYR A 57 9.37 -4.06 7.64
N SER A 58 10.17 -4.59 6.71
CA SER A 58 11.60 -4.84 6.94
C SER A 58 12.38 -3.53 7.21
N ILE A 59 12.11 -2.49 6.37
CA ILE A 59 12.68 -1.14 6.46
C ILE A 59 12.39 -0.49 7.82
N PHE A 60 11.13 -0.47 8.26
CA PHE A 60 10.77 0.24 9.49
C PHE A 60 10.98 -0.59 10.80
N THR A 61 11.42 -1.86 10.71
CA THR A 61 11.77 -2.69 11.88
C THR A 61 13.30 -2.75 12.01
N ASP A 62 14.00 -2.01 11.13
CA ASP A 62 15.46 -1.89 11.11
C ASP A 62 15.84 -0.69 11.98
N GLN A 63 16.69 -0.94 13.00
CA GLN A 63 17.16 0.03 13.99
C GLN A 63 17.66 1.36 13.42
N LEU A 64 18.31 1.34 12.22
CA LEU A 64 18.80 2.58 11.60
C LEU A 64 17.78 3.23 10.68
N LYS A 65 17.10 2.42 9.86
CA LYS A 65 16.13 2.88 8.86
C LYS A 65 14.84 3.43 9.43
N CYS A 66 14.32 2.86 10.56
CA CYS A 66 13.08 3.28 11.23
C CYS A 66 13.06 4.76 11.56
N ASN A 67 14.27 5.36 11.72
CA ASN A 67 14.52 6.77 12.06
C ASN A 67 14.49 7.70 10.86
N LEU A 68 14.49 7.16 9.62
CA LEU A 68 14.50 8.00 8.43
C LEU A 68 13.12 8.53 8.08
N SER A 69 13.07 9.82 7.69
CA SER A 69 11.88 10.55 7.26
C SER A 69 11.72 10.46 5.73
N VAL A 70 12.83 10.15 5.00
CA VAL A 70 12.82 10.02 3.55
C VAL A 70 13.40 8.66 3.16
N ILE A 71 12.66 7.91 2.31
CA ILE A 71 13.05 6.60 1.80
C ILE A 71 13.03 6.64 0.27
N ASN A 72 14.21 6.37 -0.35
CA ASN A 72 14.33 6.34 -1.81
C ASN A 72 14.22 4.91 -2.31
N LEU A 73 13.25 4.64 -3.21
CA LEU A 73 13.07 3.28 -3.76
C LEU A 73 13.91 3.06 -5.01
N ASP A 74 14.16 1.77 -5.39
CA ASP A 74 14.94 1.33 -6.57
C ASP A 74 14.54 2.17 -7.80
N PRO A 75 15.51 2.72 -8.57
CA PRO A 75 15.15 3.60 -9.70
C PRO A 75 14.26 3.02 -10.79
N GLU A 76 14.23 1.67 -10.92
CA GLU A 76 13.42 0.96 -11.92
C GLU A 76 11.92 1.11 -11.68
N ILE A 77 11.53 1.37 -10.41
CA ILE A 77 10.14 1.52 -9.97
C ILE A 77 9.50 2.75 -10.60
N ASN A 78 8.40 2.52 -11.33
CA ASN A 78 7.57 3.54 -11.97
C ASN A 78 6.74 4.25 -10.87
N PRO A 79 6.72 5.62 -10.84
CA PRO A 79 5.98 6.31 -9.78
C PRO A 79 4.46 6.10 -9.87
N GLU A 80 3.90 5.91 -11.08
CA GLU A 80 2.46 5.64 -11.30
C GLU A 80 2.07 4.31 -10.65
N GLY A 81 2.92 3.29 -10.87
CA GLY A 81 2.77 1.95 -10.32
C GLY A 81 2.76 1.97 -8.80
N PHE A 82 3.71 2.74 -8.21
CA PHE A 82 3.78 2.96 -6.77
C PHE A 82 2.53 3.69 -6.28
N CYS A 83 2.09 4.75 -7.01
CA CYS A 83 0.89 5.55 -6.66
C CYS A 83 -0.35 4.67 -6.64
N ILE A 84 -0.45 3.73 -7.63
CA ILE A 84 -1.59 2.82 -7.73
C ILE A 84 -1.53 1.83 -6.56
N LEU A 85 -0.31 1.50 -6.07
CA LEU A 85 -0.22 0.54 -4.98
C LEU A 85 -0.43 1.19 -3.64
N LEU A 86 -0.03 2.45 -3.48
CA LEU A 86 -0.22 3.25 -2.26
C LEU A 86 -1.72 3.50 -2.05
N ASP A 87 -2.44 3.77 -3.15
CA ASP A 87 -3.91 3.93 -3.11
C ASP A 87 -4.57 2.60 -2.65
N PHE A 88 -4.10 1.43 -3.15
CA PHE A 88 -4.61 0.10 -2.76
C PHE A 88 -4.37 -0.15 -1.26
N MET A 89 -3.19 0.25 -0.75
CA MET A 89 -2.89 0.08 0.66
C MET A 89 -3.93 0.76 1.49
N TYR A 90 -4.30 2.01 1.09
CA TYR A 90 -5.20 2.86 1.86
C TYR A 90 -6.68 2.65 1.55
N THR A 91 -7.01 2.00 0.43
CA THR A 91 -8.43 1.84 0.03
C THR A 91 -8.93 0.45 -0.16
N SER A 92 -8.03 -0.56 -0.36
CA SER A 92 -8.36 -1.96 -0.68
CA SER A 92 -8.36 -1.96 -0.67
C SER A 92 -8.76 -2.09 -2.15
N ARG A 93 -8.74 -0.96 -2.90
CA ARG A 93 -9.06 -0.88 -4.32
C ARG A 93 -7.80 -0.74 -5.19
N LEU A 94 -7.71 -1.59 -6.21
CA LEU A 94 -6.59 -1.64 -7.15
C LEU A 94 -7.00 -1.26 -8.57
N ASN A 95 -6.49 -0.11 -9.07
CA ASN A 95 -6.79 0.35 -10.42
C ASN A 95 -5.95 -0.39 -11.46
N LEU A 96 -6.35 -1.65 -11.70
CA LEU A 96 -5.64 -2.53 -12.60
C LEU A 96 -6.16 -2.41 -14.06
N ARG A 97 -5.25 -2.03 -14.96
CA ARG A 97 -5.48 -1.79 -16.39
C ARG A 97 -4.42 -2.51 -17.26
N GLU A 98 -4.78 -2.83 -18.53
CA GLU A 98 -3.89 -3.48 -19.49
C GLU A 98 -2.60 -2.65 -19.71
N GLY A 99 -2.75 -1.35 -19.67
CA GLY A 99 -1.68 -0.38 -19.80
C GLY A 99 -0.76 -0.26 -18.59
N ASN A 100 -1.21 -0.73 -17.43
CA ASN A 100 -0.42 -0.66 -16.21
C ASN A 100 -0.12 -1.96 -15.46
N ILE A 101 -0.65 -3.08 -15.91
CA ILE A 101 -0.46 -4.32 -15.19
C ILE A 101 1.00 -4.76 -15.05
N MET A 102 1.79 -4.53 -16.07
CA MET A 102 3.23 -4.85 -16.06
C MET A 102 3.98 -3.99 -15.06
N ALA A 103 3.69 -2.68 -15.07
CA ALA A 103 4.31 -1.74 -14.15
C ALA A 103 3.82 -1.94 -12.70
N VAL A 104 2.57 -2.39 -12.52
CA VAL A 104 1.97 -2.60 -11.19
C VAL A 104 2.40 -3.92 -10.57
N MET A 105 2.53 -5.01 -11.38
CA MET A 105 3.01 -6.30 -10.86
C MET A 105 4.49 -6.18 -10.46
N ALA A 106 5.31 -5.45 -11.25
CA ALA A 106 6.75 -5.27 -10.95
C ALA A 106 6.90 -4.46 -9.65
N THR A 107 5.97 -3.50 -9.41
CA THR A 107 6.02 -2.69 -8.19
C THR A 107 5.57 -3.54 -6.98
N ALA A 108 4.56 -4.41 -7.14
CA ALA A 108 4.06 -5.29 -6.06
C ALA A 108 5.08 -6.39 -5.66
N MET A 109 5.83 -6.98 -6.63
CA MET A 109 6.88 -7.98 -6.34
C MET A 109 8.00 -7.39 -5.44
N TYR A 110 8.42 -6.14 -5.77
CA TYR A 110 9.42 -5.35 -5.06
C TYR A 110 8.93 -4.99 -3.63
N LEU A 111 7.68 -4.52 -3.51
CA LEU A 111 7.13 -4.13 -2.22
C LEU A 111 6.68 -5.35 -1.38
N GLN A 112 6.82 -6.57 -1.92
CA GLN A 112 6.37 -7.83 -1.27
C GLN A 112 4.87 -7.75 -0.90
N MET A 113 4.05 -7.58 -1.93
CA MET A 113 2.60 -7.50 -1.77
C MET A 113 1.99 -8.68 -2.53
N GLU A 114 2.07 -9.87 -1.89
CA GLU A 114 1.71 -11.19 -2.43
C GLU A 114 0.36 -11.27 -3.12
N HIS A 115 -0.69 -10.69 -2.52
CA HIS A 115 -2.05 -10.72 -3.06
C HIS A 115 -2.21 -9.94 -4.36
N VAL A 116 -1.45 -8.84 -4.53
CA VAL A 116 -1.47 -8.03 -5.76
C VAL A 116 -0.76 -8.82 -6.83
N VAL A 117 0.44 -9.36 -6.50
CA VAL A 117 1.24 -10.23 -7.36
C VAL A 117 0.34 -11.39 -7.89
N ASP A 118 -0.29 -12.17 -6.98
CA ASP A 118 -1.17 -13.30 -7.29
C ASP A 118 -2.23 -12.99 -8.36
N THR A 119 -3.04 -11.94 -8.16
CA THR A 119 -4.10 -11.52 -9.09
C THR A 119 -3.50 -10.92 -10.39
N CYS A 120 -2.36 -10.26 -10.26
CA CYS A 120 -1.72 -9.64 -11.39
C CYS A 120 -1.33 -10.68 -12.42
N ARG A 121 -0.87 -11.82 -11.93
CA ARG A 121 -0.51 -12.94 -12.77
C ARG A 121 -1.74 -13.53 -13.47
N LYS A 122 -2.80 -13.67 -12.70
CA LYS A 122 -4.03 -14.29 -13.16
C LYS A 122 -4.64 -13.54 -14.31
N PHE A 123 -4.53 -12.24 -14.26
CA PHE A 123 -5.08 -11.41 -15.33
C PHE A 123 -4.26 -11.53 -16.63
N ILE A 124 -2.92 -11.77 -16.53
CA ILE A 124 -2.11 -11.93 -17.74
C ILE A 124 -2.17 -13.38 -18.25
N LYS A 125 -2.21 -14.37 -17.34
CA LYS A 125 -2.33 -15.79 -17.68
C LYS A 125 -3.65 -16.08 -18.41
N ALA A 126 -4.65 -15.18 -18.26
CA ALA A 126 -5.95 -15.24 -18.93
C ALA A 126 -5.95 -14.37 -20.20
N SER A 127 -5.02 -13.37 -20.28
CA SER A 127 -4.84 -12.45 -21.40
C SER A 127 -4.06 -13.11 -22.55
N GLU A 128 -3.23 -14.11 -22.23
CA GLU A 128 -2.41 -14.86 -23.19
C GLU A 128 -3.22 -15.94 -23.92
CA ALA B 1 -23.75 -3.45 11.26
C ALA B 1 -22.98 -4.38 12.21
N TRP B 2 -23.59 -4.76 13.35
CA TRP B 2 -22.97 -5.68 14.30
C TRP B 2 -23.43 -7.08 14.03
N VAL B 3 -22.48 -8.01 14.11
CA VAL B 3 -22.70 -9.44 13.84
C VAL B 3 -21.99 -10.32 14.86
N ILE B 4 -22.31 -11.64 14.83
CA ILE B 4 -21.61 -12.65 15.62
C ILE B 4 -20.40 -13.09 14.75
N PRO B 5 -19.13 -12.84 15.16
CA PRO B 5 -17.99 -13.22 14.29
C PRO B 5 -17.74 -14.73 14.21
N ALA B 6 -17.44 -15.22 12.99
#